data_5IRW
#
_entry.id   5IRW
#
_cell.length_a   58.970
_cell.length_b   81.520
_cell.length_c   107.780
_cell.angle_alpha   90.00
_cell.angle_beta   90.00
_cell.angle_gamma   90.00
#
_symmetry.space_group_name_H-M   'P 21 21 21'
#
loop_
_entity.id
_entity.type
_entity.pdbx_description
1 polymer Avidin
2 non-polymer 2-acetamido-2-deoxy-beta-D-glucopyranose
3 non-polymer 1-desthiobiotinylpyrene
4 water water
#
_entity_poly.entity_id   1
_entity_poly.type   'polypeptide(L)'
_entity_poly.pdbx_seq_one_letter_code
;ARKCSLTGKWTNDLGSNMTIGAVNSRGEFTGTYTTAVTATSNEIKESPLHGTQNTINKRTQPTFGFTVNWKFSESTTVFT
GQCFIDRNGKEVLKTMWLLRSSVNDIGDDWKATRVGINIFTRLRTQKE
;
_entity_poly.pdbx_strand_id   A,B,C,D
#
loop_
_chem_comp.id
_chem_comp.type
_chem_comp.name
_chem_comp.formula
D9P non-polymer 1-desthiobiotinylpyrene 'C26 H26 N2 O2'
NAG D-saccharide, beta linking 2-acetamido-2-deoxy-beta-D-glucopyranose 'C8 H15 N O6'
#
# COMPACT_ATOMS: atom_id res chain seq x y z
N LYS A 3 14.68 8.83 -24.66
CA LYS A 3 13.32 8.20 -24.73
C LYS A 3 13.27 6.80 -24.05
N CYS A 4 12.61 6.80 -22.89
CA CYS A 4 12.15 5.60 -22.22
C CYS A 4 10.70 5.52 -22.60
N SER A 5 10.36 4.58 -23.47
CA SER A 5 9.05 4.56 -24.09
C SER A 5 8.27 3.32 -23.66
N LEU A 6 7.01 3.51 -23.30
CA LEU A 6 6.18 2.40 -22.91
C LEU A 6 5.82 1.40 -24.00
N THR A 7 5.76 1.87 -25.23
CA THR A 7 5.35 1.07 -26.39
C THR A 7 6.26 -0.16 -26.54
N GLY A 8 5.65 -1.32 -26.72
CA GLY A 8 6.37 -2.54 -27.00
C GLY A 8 6.02 -3.67 -26.06
N LYS A 9 6.91 -4.65 -26.03
CA LYS A 9 6.76 -5.85 -25.24
C LYS A 9 7.69 -5.98 -23.99
N TRP A 10 7.06 -6.30 -22.88
CA TRP A 10 7.69 -6.28 -21.55
C TRP A 10 7.37 -7.59 -20.81
N THR A 11 8.30 -8.01 -19.98
CA THR A 11 8.10 -9.14 -19.08
C THR A 11 8.47 -8.70 -17.66
N ASN A 12 7.83 -9.31 -16.64
CA ASN A 12 8.17 -8.97 -15.29
C ASN A 12 8.84 -10.06 -14.48
N ASP A 13 9.27 -9.68 -13.27
CA ASP A 13 9.97 -10.55 -12.37
C ASP A 13 9.19 -11.81 -12.00
N LEU A 14 7.85 -11.79 -12.11
CA LEU A 14 7.05 -13.01 -11.92
C LEU A 14 6.88 -13.84 -13.19
N GLY A 15 7.47 -13.43 -14.31
CA GLY A 15 7.24 -14.11 -15.58
C GLY A 15 6.03 -13.62 -16.40
N SER A 16 5.21 -12.71 -15.89
CA SER A 16 4.11 -12.13 -16.64
C SER A 16 4.60 -11.28 -17.83
N ASN A 17 3.77 -11.20 -18.89
CA ASN A 17 4.07 -10.44 -20.14
C ASN A 17 3.04 -9.39 -20.42
N MET A 18 3.50 -8.25 -20.93
CA MET A 18 2.57 -7.24 -21.48
C MET A 18 3.09 -6.55 -22.71
N THR A 19 2.14 -6.15 -23.52
CA THR A 19 2.37 -5.51 -24.78
C THR A 19 1.61 -4.23 -24.68
N ILE A 20 2.32 -3.15 -24.94
CA ILE A 20 1.70 -1.82 -24.95
C ILE A 20 1.83 -1.24 -26.34
N GLY A 21 0.72 -0.68 -26.86
CA GLY A 21 0.70 -0.09 -28.21
C GLY A 21 1.24 1.33 -28.20
N ALA A 22 0.94 2.05 -29.25
CA ALA A 22 1.39 3.41 -29.44
C ALA A 22 0.85 4.29 -28.39
N VAL A 23 1.67 5.25 -27.96
CA VAL A 23 1.25 6.28 -27.00
C VAL A 23 0.92 7.52 -27.80
N ASN A 24 -0.36 7.92 -27.81
CA ASN A 24 -0.76 9.08 -28.59
C ASN A 24 -0.33 10.40 -27.96
N SER A 25 -0.71 11.52 -28.57
CA SER A 25 -0.24 12.86 -28.18
C SER A 25 -0.82 13.27 -26.85
N ARG A 26 -1.92 12.62 -26.41
CA ARG A 26 -2.46 12.82 -25.04
C ARG A 26 -1.89 11.89 -23.92
N GLY A 27 -0.85 11.13 -24.24
CA GLY A 27 -0.32 10.14 -23.30
C GLY A 27 -1.10 8.85 -23.15
N GLU A 28 -2.16 8.61 -23.94
CA GLU A 28 -2.96 7.42 -23.80
C GLU A 28 -2.37 6.25 -24.56
N PHE A 29 -2.59 5.07 -23.98
CA PHE A 29 -2.19 3.81 -24.61
C PHE A 29 -3.10 2.69 -24.18
N THR A 30 -2.99 1.61 -24.95
CA THR A 30 -3.69 0.39 -24.73
C THR A 30 -2.69 -0.73 -24.84
N GLY A 31 -3.10 -1.90 -24.39
CA GLY A 31 -2.32 -3.09 -24.61
C GLY A 31 -3.02 -4.30 -24.10
N THR A 32 -2.20 -5.39 -23.97
CA THR A 32 -2.67 -6.65 -23.33
C THR A 32 -1.67 -7.18 -22.32
N TYR A 33 -2.21 -7.91 -21.35
CA TYR A 33 -1.51 -8.45 -20.21
C TYR A 33 -1.79 -9.99 -20.11
N THR A 34 -0.73 -10.77 -20.04
CA THR A 34 -0.79 -12.16 -19.69
C THR A 34 -0.04 -12.35 -18.37
N THR A 35 -0.82 -12.52 -17.31
CA THR A 35 -0.24 -12.85 -16.02
C THR A 35 0.27 -14.31 -15.97
N ALA A 36 1.43 -14.52 -15.38
CA ALA A 36 1.97 -15.83 -15.07
C ALA A 36 1.45 -16.40 -13.68
N VAL A 37 0.73 -15.60 -12.88
CA VAL A 37 0.26 -16.03 -11.54
C VAL A 37 -1.15 -15.56 -11.37
N THR A 38 -1.90 -16.20 -10.49
CA THR A 38 -3.26 -15.67 -10.13
C THR A 38 -3.61 -15.99 -8.72
N ALA A 39 -4.55 -15.24 -8.14
CA ALA A 39 -5.23 -15.63 -6.86
C ALA A 39 -6.51 -16.39 -7.12
N THR A 40 -6.93 -16.43 -8.38
CA THR A 40 -8.29 -16.69 -8.77
C THR A 40 -8.48 -18.21 -8.91
N SER A 41 -9.73 -18.70 -9.04
CA SER A 41 -9.87 -20.13 -9.41
C SER A 41 -9.41 -20.54 -10.86
N ASN A 42 -9.39 -19.55 -11.76
CA ASN A 42 -9.42 -19.74 -13.27
C ASN A 42 -8.16 -19.82 -14.26
N GLU A 43 -8.43 -20.49 -15.40
CA GLU A 43 -7.51 -20.58 -16.52
C GLU A 43 -7.31 -19.13 -16.94
N ILE A 44 -6.02 -18.76 -16.94
CA ILE A 44 -5.57 -17.41 -17.24
C ILE A 44 -5.82 -17.11 -18.70
N LYS A 45 -6.35 -15.90 -18.93
CA LYS A 45 -6.60 -15.29 -20.28
C LYS A 45 -5.87 -13.99 -20.37
N GLU A 46 -5.31 -13.76 -21.55
CA GLU A 46 -4.86 -12.44 -21.96
C GLU A 46 -5.94 -11.38 -21.70
N SER A 47 -5.55 -10.27 -21.10
CA SER A 47 -6.56 -9.32 -20.62
C SER A 47 -6.13 -7.94 -21.12
N PRO A 48 -7.09 -7.07 -21.43
CA PRO A 48 -6.78 -5.72 -21.87
C PRO A 48 -6.33 -4.79 -20.78
N LEU A 49 -5.48 -3.86 -21.18
CA LEU A 49 -5.09 -2.76 -20.31
C LEU A 49 -5.26 -1.42 -21.03
N HIS A 50 -5.51 -0.38 -20.22
CA HIS A 50 -5.70 1.02 -20.65
C HIS A 50 -5.00 1.90 -19.63
N GLY A 51 -4.23 2.86 -20.13
CA GLY A 51 -3.53 3.79 -19.29
C GLY A 51 -3.12 5.07 -19.90
N THR A 52 -2.42 5.85 -19.08
CA THR A 52 -1.80 7.07 -19.52
C THR A 52 -0.39 7.25 -18.94
N GLN A 53 0.42 7.94 -19.71
CA GLN A 53 1.74 8.35 -19.40
C GLN A 53 1.69 9.85 -19.27
N ASN A 54 2.24 10.37 -18.19
CA ASN A 54 2.25 11.82 -17.91
C ASN A 54 3.19 12.52 -18.86
N THR A 55 2.78 13.62 -19.43
CA THR A 55 3.59 14.34 -20.42
C THR A 55 4.02 15.74 -19.99
N ILE A 56 3.73 16.12 -18.74
CA ILE A 56 4.11 17.44 -18.22
C ILE A 56 5.67 17.58 -18.20
N ASN A 57 6.16 18.66 -18.79
CA ASN A 57 7.60 18.86 -19.07
C ASN A 57 8.32 17.77 -19.88
N LYS A 58 7.54 16.86 -20.50
CA LYS A 58 8.03 15.92 -21.50
C LYS A 58 9.23 15.15 -20.97
N ARG A 59 9.08 14.62 -19.77
CA ARG A 59 10.21 13.99 -19.15
C ARG A 59 10.67 12.81 -20.00
N THR A 60 11.98 12.57 -20.02
CA THR A 60 12.52 11.40 -20.68
C THR A 60 12.28 10.10 -19.89
N GLN A 61 11.86 10.23 -18.63
CA GLN A 61 11.52 9.10 -17.78
C GLN A 61 10.21 9.42 -17.12
N PRO A 62 9.09 9.33 -17.85
CA PRO A 62 7.78 9.82 -17.27
C PRO A 62 7.13 8.81 -16.37
N THR A 63 6.25 9.34 -15.51
CA THR A 63 5.36 8.53 -14.69
C THR A 63 4.20 8.08 -15.54
N PHE A 64 3.58 6.99 -15.16
CA PHE A 64 2.48 6.42 -15.90
C PHE A 64 1.61 5.59 -14.97
N GLY A 65 0.44 5.23 -15.47
CA GLY A 65 -0.50 4.38 -14.76
C GLY A 65 -1.31 3.61 -15.76
N PHE A 66 -1.73 2.44 -15.36
CA PHE A 66 -2.66 1.70 -16.20
C PHE A 66 -3.49 0.72 -15.39
N THR A 67 -4.69 0.44 -15.93
CA THR A 67 -5.63 -0.50 -15.33
C THR A 67 -5.64 -1.78 -16.16
N VAL A 68 -5.62 -2.94 -15.51
CA VAL A 68 -5.76 -4.25 -16.19
C VAL A 68 -7.14 -4.79 -15.83
N ASN A 69 -7.96 -4.97 -16.87
CA ASN A 69 -9.32 -5.42 -16.70
C ASN A 69 -9.35 -6.92 -16.94
N TRP A 70 -9.22 -7.68 -15.86
CA TRP A 70 -9.02 -9.13 -15.98
C TRP A 70 -10.22 -9.82 -16.65
N LYS A 71 -9.93 -10.78 -17.54
CA LYS A 71 -10.99 -11.54 -18.28
C LYS A 71 -11.32 -12.93 -17.75
N PHE A 72 -10.75 -13.29 -16.62
CA PHE A 72 -10.99 -14.60 -16.08
C PHE A 72 -11.29 -14.50 -14.56
N SER A 73 -11.62 -13.29 -14.06
CA SER A 73 -11.91 -13.09 -12.62
C SER A 73 -12.67 -11.79 -12.47
N GLU A 74 -13.38 -11.68 -11.36
CA GLU A 74 -14.07 -10.46 -11.03
C GLU A 74 -13.18 -9.28 -10.54
N SER A 75 -11.88 -9.47 -10.59
CA SER A 75 -10.90 -8.52 -10.04
C SER A 75 -10.52 -7.41 -11.00
N THR A 76 -9.87 -6.38 -10.46
CA THR A 76 -9.16 -5.35 -11.24
C THR A 76 -7.79 -5.10 -10.57
N THR A 77 -6.75 -4.87 -11.39
CA THR A 77 -5.48 -4.44 -10.89
C THR A 77 -5.12 -3.08 -11.54
N VAL A 78 -4.53 -2.18 -10.76
CA VAL A 78 -3.94 -0.98 -11.26
C VAL A 78 -2.46 -1.00 -10.97
N PHE A 79 -1.67 -0.50 -11.91
CA PHE A 79 -0.27 -0.35 -11.80
C PHE A 79 0.11 1.14 -12.00
N THR A 80 1.10 1.62 -11.20
CA THR A 80 1.66 2.92 -11.43
C THR A 80 3.15 2.89 -11.25
N GLY A 81 3.87 3.71 -12.01
CA GLY A 81 5.33 3.66 -11.92
C GLY A 81 5.99 4.67 -12.79
N GLN A 82 7.24 4.38 -13.08
CA GLN A 82 8.07 5.27 -13.81
C GLN A 82 9.04 4.47 -14.67
N CYS A 83 9.21 4.95 -15.90
CA CYS A 83 10.18 4.34 -16.87
C CYS A 83 11.58 4.92 -16.61
N PHE A 84 12.56 4.09 -16.29
CA PHE A 84 13.90 4.60 -16.07
C PHE A 84 14.85 4.08 -17.13
N ILE A 85 15.95 4.79 -17.31
CA ILE A 85 17.12 4.28 -17.99
C ILE A 85 18.17 3.99 -16.93
N ASP A 86 18.30 2.72 -16.55
CA ASP A 86 19.32 2.25 -15.63
C ASP A 86 20.77 2.59 -16.08
N ARG A 87 21.75 2.27 -15.22
CA ARG A 87 23.19 2.56 -15.40
C ARG A 87 23.82 1.99 -16.69
N ASN A 88 23.09 1.12 -17.41
CA ASN A 88 23.58 0.52 -18.68
C ASN A 88 23.01 1.15 -19.99
N GLY A 89 21.93 1.94 -19.85
CA GLY A 89 21.15 2.39 -20.98
C GLY A 89 19.93 1.49 -21.16
N LYS A 90 19.78 0.44 -20.32
CA LYS A 90 18.55 -0.47 -20.38
C LYS A 90 17.40 0.17 -19.76
N GLU A 91 16.26 -0.08 -20.37
CA GLU A 91 15.03 0.46 -19.82
C GLU A 91 14.44 -0.50 -18.81
N VAL A 92 13.73 0.08 -17.86
CA VAL A 92 13.15 -0.66 -16.78
C VAL A 92 11.97 0.11 -16.30
N LEU A 93 10.86 -0.57 -16.19
CA LEU A 93 9.69 0.01 -15.54
C LEU A 93 9.68 -0.45 -14.06
N LYS A 94 9.68 0.51 -13.14
CA LYS A 94 9.45 0.24 -11.73
C LYS A 94 8.06 0.57 -11.41
N THR A 95 7.32 -0.44 -10.99
CA THR A 95 5.91 -0.23 -10.69
C THR A 95 5.50 -0.75 -9.32
N MET A 96 4.44 -0.14 -8.79
CA MET A 96 3.68 -0.71 -7.73
C MET A 96 2.22 -0.91 -8.23
N TRP A 97 1.55 -1.88 -7.63
CA TRP A 97 0.18 -2.21 -7.98
C TRP A 97 -0.72 -2.38 -6.78
N LEU A 98 -2.00 -2.25 -7.04
CA LEU A 98 -3.06 -2.58 -6.11
C LEU A 98 -3.95 -3.60 -6.87
N LEU A 99 -4.23 -4.75 -6.26
CA LEU A 99 -5.11 -5.79 -6.81
C LEU A 99 -6.38 -5.80 -5.98
N ARG A 100 -7.49 -5.36 -6.58
CA ARG A 100 -8.77 -5.31 -5.90
C ARG A 100 -9.55 -6.57 -6.23
N SER A 101 -9.88 -7.34 -5.23
CA SER A 101 -10.83 -8.42 -5.37
C SER A 101 -12.20 -7.96 -5.14
N SER A 102 -13.12 -8.79 -5.62
CA SER A 102 -14.50 -8.60 -5.38
C SER A 102 -14.94 -9.22 -4.07
N VAL A 103 -15.75 -8.53 -3.31
CA VAL A 103 -16.37 -9.11 -2.15
C VAL A 103 -17.86 -8.88 -2.26
N ASN A 104 -18.62 -9.71 -1.60
CA ASN A 104 -20.08 -9.65 -1.75
C ASN A 104 -20.72 -8.62 -0.87
N ASP A 105 -20.05 -8.29 0.22
CA ASP A 105 -20.64 -7.53 1.29
C ASP A 105 -19.68 -6.40 1.60
N ILE A 106 -20.22 -5.20 1.74
CA ILE A 106 -19.43 -4.03 2.03
C ILE A 106 -18.60 -4.13 3.34
N GLY A 107 -19.12 -4.89 4.30
CA GLY A 107 -18.40 -5.25 5.51
C GLY A 107 -17.14 -6.05 5.28
N ASP A 108 -16.93 -6.64 4.11
CA ASP A 108 -15.67 -7.31 3.81
C ASP A 108 -14.70 -6.49 3.04
N ASP A 109 -15.05 -5.25 2.79
CA ASP A 109 -14.22 -4.37 1.94
C ASP A 109 -12.78 -4.29 2.45
N TRP A 110 -12.61 -4.30 3.79
CA TRP A 110 -11.31 -4.13 4.43
C TRP A 110 -10.25 -5.11 3.92
N LYS A 111 -10.70 -6.33 3.55
CA LYS A 111 -9.73 -7.36 3.14
C LYS A 111 -9.49 -7.48 1.62
N ALA A 112 -10.07 -6.58 0.84
CA ALA A 112 -10.19 -6.77 -0.62
C ALA A 112 -9.04 -6.27 -1.46
N THR A 113 -8.05 -5.59 -0.85
CA THR A 113 -7.04 -4.96 -1.63
C THR A 113 -5.68 -5.44 -1.21
N ARG A 114 -4.98 -5.98 -2.18
CA ARG A 114 -3.59 -6.38 -2.07
C ARG A 114 -2.69 -5.37 -2.75
N VAL A 115 -1.40 -5.38 -2.32
CA VAL A 115 -0.43 -4.45 -2.80
C VAL A 115 0.89 -5.22 -3.08
N GLY A 116 1.61 -4.72 -4.08
CA GLY A 116 2.99 -5.27 -4.38
C GLY A 116 3.66 -4.46 -5.43
N ILE A 117 4.77 -4.97 -5.86
CA ILE A 117 5.54 -4.33 -6.85
C ILE A 117 5.71 -5.26 -8.08
N ASN A 118 6.13 -4.68 -9.17
CA ASN A 118 6.73 -5.42 -10.26
C ASN A 118 7.73 -4.56 -10.98
N ILE A 119 8.79 -5.22 -11.41
CA ILE A 119 9.77 -4.64 -12.30
C ILE A 119 9.64 -5.29 -13.71
N PHE A 120 9.50 -4.46 -14.72
CA PHE A 120 9.45 -4.92 -16.13
C PHE A 120 10.73 -4.56 -16.89
N THR A 121 11.16 -5.48 -17.72
CA THR A 121 12.16 -5.19 -18.73
C THR A 121 11.66 -5.69 -20.10
N ARG A 122 12.34 -5.24 -21.14
CA ARG A 122 11.93 -5.55 -22.53
C ARG A 122 12.20 -6.98 -22.90
N LEU A 123 11.34 -7.52 -23.78
CA LEU A 123 11.50 -8.88 -24.36
C LEU A 123 12.13 -8.96 -25.76
N LYS B 3 -26.73 -2.75 -11.22
CA LYS B 3 -27.36 -1.80 -10.25
C LYS B 3 -26.48 -0.55 -9.87
N CYS B 4 -25.17 -0.76 -9.70
CA CYS B 4 -24.21 0.23 -9.22
C CYS B 4 -23.37 0.64 -10.40
N SER B 5 -23.59 1.84 -10.91
CA SER B 5 -23.01 2.26 -12.20
C SER B 5 -22.08 3.45 -12.06
N LEU B 6 -20.93 3.40 -12.70
CA LEU B 6 -19.91 4.43 -12.50
C LEU B 6 -20.20 5.77 -13.16
N THR B 7 -21.02 5.75 -14.22
CA THR B 7 -21.35 6.94 -14.98
C THR B 7 -22.01 7.95 -14.07
N GLY B 8 -21.54 9.17 -14.18
CA GLY B 8 -22.14 10.29 -13.47
C GLY B 8 -21.14 11.07 -12.64
N LYS B 9 -21.69 11.80 -11.69
CA LYS B 9 -20.93 12.66 -10.82
C LYS B 9 -20.80 12.18 -9.35
N TRP B 10 -19.56 12.17 -8.90
CA TRP B 10 -19.18 11.67 -7.60
C TRP B 10 -18.35 12.71 -6.82
N THR B 11 -18.49 12.73 -5.49
CA THR B 11 -17.62 13.52 -4.62
C THR B 11 -17.00 12.61 -3.55
N ASN B 12 -15.80 12.93 -3.07
CA ASN B 12 -15.19 12.08 -2.02
C ASN B 12 -15.08 12.71 -0.67
N ASP B 13 -14.63 11.91 0.29
CA ASP B 13 -14.42 12.33 1.67
C ASP B 13 -13.48 13.54 1.84
N LEU B 14 -12.57 13.75 0.88
CA LEU B 14 -11.72 14.96 0.90
C LEU B 14 -12.34 16.16 0.17
N GLY B 15 -13.54 16.03 -0.39
CA GLY B 15 -14.17 17.14 -1.13
C GLY B 15 -13.83 17.14 -2.63
N SER B 16 -12.96 16.23 -3.10
CA SER B 16 -12.68 16.09 -4.53
C SER B 16 -13.90 15.57 -5.33
N ASN B 17 -13.98 15.96 -6.60
CA ASN B 17 -15.10 15.60 -7.48
C ASN B 17 -14.59 14.86 -8.64
N MET B 18 -15.39 13.92 -9.13
CA MET B 18 -15.15 13.38 -10.46
C MET B 18 -16.43 13.11 -11.21
N THR B 19 -16.27 13.17 -12.54
CA THR B 19 -17.33 12.94 -13.47
C THR B 19 -16.84 11.85 -14.36
N ILE B 20 -17.67 10.82 -14.46
CA ILE B 20 -17.37 9.71 -15.30
C ILE B 20 -18.43 9.67 -16.38
N GLY B 21 -18.00 9.52 -17.64
CA GLY B 21 -18.91 9.34 -18.77
C GLY B 21 -19.51 7.96 -18.89
N ALA B 22 -20.08 7.68 -20.07
CA ALA B 22 -20.67 6.39 -20.40
C ALA B 22 -19.63 5.27 -20.30
N VAL B 23 -20.08 4.13 -19.81
CA VAL B 23 -19.27 2.93 -19.78
C VAL B 23 -19.71 2.15 -21.01
N ASN B 24 -18.81 1.98 -21.97
CA ASN B 24 -19.12 1.17 -23.15
C ASN B 24 -19.23 -0.33 -22.88
N SER B 25 -19.49 -1.09 -23.91
CA SER B 25 -19.71 -2.53 -23.76
C SER B 25 -18.47 -3.29 -23.27
N ARG B 26 -17.28 -2.69 -23.43
CA ARG B 26 -16.01 -3.27 -22.95
C ARG B 26 -15.58 -2.85 -21.55
N GLY B 27 -16.47 -2.20 -20.84
CA GLY B 27 -16.19 -1.69 -19.54
C GLY B 27 -15.34 -0.43 -19.50
N GLU B 28 -15.00 0.18 -20.63
CA GLU B 28 -14.15 1.38 -20.64
C GLU B 28 -14.97 2.67 -20.40
N PHE B 29 -14.30 3.62 -19.76
CA PHE B 29 -14.86 4.91 -19.48
C PHE B 29 -13.77 5.94 -19.40
N THR B 30 -14.20 7.19 -19.53
CA THR B 30 -13.37 8.35 -19.43
C THR B 30 -14.12 9.37 -18.54
N GLY B 31 -13.38 10.36 -18.05
CA GLY B 31 -13.97 11.38 -17.22
C GLY B 31 -13.03 12.53 -17.01
N THR B 32 -13.40 13.31 -15.97
CA THR B 32 -12.46 14.28 -15.38
C THR B 32 -12.45 14.19 -13.84
N TYR B 33 -11.35 14.65 -13.26
CA TYR B 33 -11.10 14.66 -11.81
C TYR B 33 -10.64 16.05 -11.36
N THR B 34 -11.33 16.59 -10.35
CA THR B 34 -10.94 17.84 -9.71
C THR B 34 -10.64 17.52 -8.28
N THR B 35 -9.35 17.44 -7.99
CA THR B 35 -8.92 17.23 -6.63
C THR B 35 -9.13 18.51 -5.82
N ALA B 36 -9.60 18.33 -4.61
CA ALA B 36 -9.68 19.41 -3.64
C ALA B 36 -8.36 19.61 -2.86
N VAL B 37 -7.38 18.70 -2.98
CA VAL B 37 -6.13 18.74 -2.20
C VAL B 37 -4.96 18.50 -3.13
N THR B 38 -3.79 19.02 -2.76
CA THR B 38 -2.58 18.71 -3.50
C THR B 38 -1.35 18.85 -2.59
N ALA B 39 -0.28 18.09 -2.83
CA ALA B 39 0.97 18.32 -2.10
C ALA B 39 1.72 19.43 -2.72
N THR B 40 1.44 19.76 -3.99
CA THR B 40 2.34 20.62 -4.78
C THR B 40 2.07 22.08 -4.30
N SER B 41 2.88 23.06 -4.69
CA SER B 41 2.53 24.47 -4.45
C SER B 41 1.84 25.13 -5.71
N ASN B 42 1.26 24.33 -6.62
CA ASN B 42 0.49 24.79 -7.82
C ASN B 42 -0.99 24.88 -7.76
N GLU B 43 -1.52 25.70 -8.65
CA GLU B 43 -2.92 25.74 -8.91
C GLU B 43 -3.32 24.38 -9.43
N ILE B 44 -4.34 23.86 -8.78
CA ILE B 44 -5.03 22.67 -9.21
C ILE B 44 -5.80 22.91 -10.51
N LYS B 45 -5.70 21.95 -11.41
CA LYS B 45 -6.43 21.89 -12.68
C LYS B 45 -7.21 20.57 -12.72
N GLU B 46 -8.41 20.67 -13.29
CA GLU B 46 -9.18 19.53 -13.73
C GLU B 46 -8.32 18.62 -14.58
N SER B 47 -8.38 17.34 -14.34
CA SER B 47 -7.43 16.39 -15.02
C SER B 47 -8.21 15.19 -15.55
N PRO B 48 -7.81 14.68 -16.71
CA PRO B 48 -8.49 13.53 -17.29
C PRO B 48 -8.23 12.22 -16.58
N LEU B 49 -9.24 11.35 -16.63
CA LEU B 49 -9.13 10.01 -16.17
C LEU B 49 -9.63 9.04 -17.24
N HIS B 50 -9.02 7.86 -17.23
CA HIS B 50 -9.32 6.71 -18.08
C HIS B 50 -9.29 5.43 -17.25
N GLY B 51 -10.30 4.59 -17.41
CA GLY B 51 -10.39 3.35 -16.71
C GLY B 51 -11.28 2.32 -17.28
N THR B 52 -11.39 1.24 -16.54
CA THR B 52 -12.29 0.14 -16.87
C THR B 52 -12.96 -0.40 -15.63
N GLN B 53 -14.11 -0.95 -15.86
CA GLN B 53 -14.94 -1.62 -14.88
C GLN B 53 -15.05 -3.07 -15.37
N ASN B 54 -14.88 -4.01 -14.43
CA ASN B 54 -14.84 -5.43 -14.76
C ASN B 54 -16.22 -5.88 -15.03
N THR B 55 -16.42 -6.66 -16.06
CA THR B 55 -17.77 -7.15 -16.43
C THR B 55 -17.95 -8.64 -16.28
N ILE B 56 -16.96 -9.35 -15.75
CA ILE B 56 -17.04 -10.82 -15.65
C ILE B 56 -18.17 -11.20 -14.69
N ASN B 57 -19.02 -12.12 -15.09
CA ASN B 57 -20.28 -12.46 -14.38
C ASN B 57 -21.24 -11.32 -14.10
N LYS B 58 -21.00 -10.18 -14.75
CA LYS B 58 -21.96 -9.08 -14.81
C LYS B 58 -22.37 -8.66 -13.41
N ARG B 59 -21.41 -8.49 -12.53
CA ARG B 59 -21.77 -8.26 -11.17
C ARG B 59 -22.52 -6.98 -11.04
N THR B 60 -23.50 -6.97 -10.13
CA THR B 60 -24.20 -5.74 -9.80
C THR B 60 -23.34 -4.74 -8.97
N GLN B 61 -22.22 -5.21 -8.44
CA GLN B 61 -21.26 -4.39 -7.68
C GLN B 61 -19.87 -4.72 -8.20
N PRO B 62 -19.52 -4.20 -9.38
CA PRO B 62 -18.25 -4.64 -9.99
C PRO B 62 -17.04 -3.90 -9.42
N THR B 63 -15.85 -4.53 -9.60
CA THR B 63 -14.56 -3.86 -9.36
C THR B 63 -14.24 -3.00 -10.54
N PHE B 64 -13.38 -2.02 -10.31
CA PHE B 64 -12.97 -1.10 -11.36
C PHE B 64 -11.64 -0.51 -11.00
N GLY B 65 -11.08 0.18 -11.99
CA GLY B 65 -9.81 0.88 -11.84
C GLY B 65 -9.75 2.05 -12.81
N PHE B 66 -9.02 3.09 -12.44
CA PHE B 66 -8.75 4.16 -13.36
C PHE B 66 -7.45 4.89 -13.01
N THR B 67 -6.89 5.52 -14.03
CA THR B 67 -5.72 6.32 -13.91
C THR B 67 -6.09 7.80 -14.07
N VAL B 68 -5.50 8.67 -13.26
CA VAL B 68 -5.69 10.09 -13.35
C VAL B 68 -4.37 10.67 -13.79
N ASN B 69 -4.41 11.36 -14.90
CA ASN B 69 -3.24 11.91 -15.51
C ASN B 69 -3.13 13.40 -15.20
N TRP B 70 -2.41 13.74 -14.14
CA TRP B 70 -2.54 15.07 -13.56
C TRP B 70 -2.00 16.14 -14.50
N LYS B 71 -2.69 17.27 -14.56
CA LYS B 71 -2.32 18.36 -15.46
C LYS B 71 -1.55 19.50 -14.82
N PHE B 72 -1.18 19.36 -13.57
CA PHE B 72 -0.45 20.42 -12.88
C PHE B 72 0.77 19.89 -12.15
N SER B 73 1.19 18.67 -12.48
CA SER B 73 2.33 18.05 -11.84
C SER B 73 2.81 16.92 -12.73
N GLU B 74 4.05 16.46 -12.50
CA GLU B 74 4.59 15.32 -13.22
C GLU B 74 4.08 13.94 -12.73
N SER B 75 3.13 13.96 -11.81
CA SER B 75 2.63 12.76 -11.11
C SER B 75 1.54 12.04 -11.83
N THR B 76 1.30 10.79 -11.43
CA THR B 76 0.17 9.95 -11.86
C THR B 76 -0.47 9.29 -10.62
N THR B 77 -1.79 9.23 -10.55
CA THR B 77 -2.47 8.48 -9.54
C THR B 77 -3.30 7.37 -10.20
N VAL B 78 -3.33 6.19 -9.58
CA VAL B 78 -4.27 5.14 -9.94
C VAL B 78 -5.16 4.81 -8.76
N PHE B 79 -6.43 4.56 -9.05
CA PHE B 79 -7.43 4.22 -8.09
C PHE B 79 -7.99 2.84 -8.49
N THR B 80 -8.35 2.04 -7.51
CA THR B 80 -9.03 0.80 -7.72
C THR B 80 -9.99 0.53 -6.57
N GLY B 81 -11.10 -0.11 -6.88
CA GLY B 81 -12.13 -0.28 -5.87
C GLY B 81 -13.32 -1.02 -6.39
N GLN B 82 -14.40 -0.87 -5.64
CA GLN B 82 -15.63 -1.57 -5.92
C GLN B 82 -16.83 -0.65 -5.61
N CYS B 83 -17.83 -0.73 -6.50
CA CYS B 83 -19.10 -0.04 -6.33
C CYS B 83 -20.04 -0.90 -5.44
N PHE B 84 -20.49 -0.38 -4.32
CA PHE B 84 -21.41 -1.10 -3.49
C PHE B 84 -22.76 -0.39 -3.46
N ILE B 85 -23.81 -1.17 -3.17
CA ILE B 85 -25.11 -0.65 -2.77
C ILE B 85 -25.25 -0.89 -1.27
N ASP B 86 -24.96 0.15 -0.47
CA ASP B 86 -25.11 0.08 0.97
C ASP B 86 -26.55 -0.34 1.39
N ARG B 87 -26.74 -0.49 2.69
CA ARG B 87 -28.03 -0.94 3.31
C ARG B 87 -29.30 -0.14 2.97
N ASN B 88 -29.14 1.02 2.35
CA ASN B 88 -30.27 1.91 1.98
C ASN B 88 -30.70 1.86 0.50
N GLY B 89 -29.83 1.27 -0.34
CA GLY B 89 -29.95 1.39 -1.77
C GLY B 89 -29.05 2.49 -2.29
N LYS B 90 -28.34 3.19 -1.41
CA LYS B 90 -27.41 4.25 -1.78
C LYS B 90 -26.08 3.67 -2.32
N GLU B 91 -25.53 4.28 -3.37
CA GLU B 91 -24.28 3.79 -3.93
C GLU B 91 -23.10 4.43 -3.25
N VAL B 92 -22.00 3.67 -3.25
CA VAL B 92 -20.74 4.10 -2.62
C VAL B 92 -19.59 3.39 -3.27
N LEU B 93 -18.57 4.18 -3.67
CA LEU B 93 -17.33 3.63 -4.24
C LEU B 93 -16.31 3.58 -3.14
N LYS B 94 -15.83 2.38 -2.85
CA LYS B 94 -14.73 2.19 -1.86
C LYS B 94 -13.48 1.98 -2.63
N THR B 95 -12.55 2.93 -2.51
CA THR B 95 -11.33 2.86 -3.36
C THR B 95 -10.06 2.98 -2.52
N MET B 96 -8.98 2.46 -3.12
CA MET B 96 -7.63 2.71 -2.70
C MET B 96 -6.89 3.25 -3.87
N TRP B 97 -5.92 4.09 -3.55
CA TRP B 97 -5.07 4.67 -4.57
C TRP B 97 -3.54 4.57 -4.29
N LEU B 98 -2.76 4.66 -5.35
CA LEU B 98 -1.36 4.88 -5.35
C LEU B 98 -1.05 6.17 -6.11
N LEU B 99 -0.30 7.07 -5.50
CA LEU B 99 0.16 8.32 -6.09
C LEU B 99 1.67 8.23 -6.35
N ARG B 100 2.05 8.19 -7.62
CA ARG B 100 3.42 8.08 -8.00
C ARG B 100 4.00 9.44 -8.36
N SER B 101 5.05 9.85 -7.69
CA SER B 101 5.76 11.05 -8.03
C SER B 101 6.85 10.70 -8.95
N SER B 102 7.32 11.69 -9.63
CA SER B 102 8.45 11.58 -10.48
C SER B 102 9.73 11.75 -9.68
N VAL B 103 10.73 10.92 -9.92
CA VAL B 103 12.08 11.16 -9.34
C VAL B 103 13.09 11.16 -10.46
N ASN B 104 14.21 11.78 -10.25
CA ASN B 104 15.18 12.00 -11.32
C ASN B 104 16.03 10.81 -11.55
N ASP B 105 16.17 10.01 -10.54
CA ASP B 105 17.17 9.00 -10.50
C ASP B 105 16.55 7.72 -9.95
N ILE B 106 16.93 6.59 -10.53
CA ILE B 106 16.34 5.28 -10.15
C ILE B 106 16.62 4.85 -8.69
N GLY B 107 17.72 5.35 -8.14
CA GLY B 107 18.03 5.25 -6.73
C GLY B 107 17.06 5.93 -5.82
N ASP B 108 16.22 6.82 -6.32
CA ASP B 108 15.20 7.45 -5.48
C ASP B 108 13.86 6.87 -5.65
N ASP B 109 13.78 5.80 -6.43
CA ASP B 109 12.52 5.14 -6.69
C ASP B 109 11.76 4.75 -5.40
N TRP B 110 12.53 4.30 -4.38
CA TRP B 110 11.95 3.82 -3.14
C TRP B 110 10.93 4.78 -2.46
N LYS B 111 11.18 6.09 -2.61
CA LYS B 111 10.39 7.05 -1.95
C LYS B 111 9.24 7.63 -2.79
N ALA B 112 9.06 7.13 -4.00
CA ALA B 112 8.17 7.78 -4.99
C ALA B 112 6.71 7.46 -4.94
N THR B 113 6.28 6.54 -4.06
CA THR B 113 4.89 6.07 -4.11
C THR B 113 4.19 6.21 -2.76
N ARG B 114 3.10 6.97 -2.78
CA ARG B 114 2.20 7.14 -1.68
C ARG B 114 0.93 6.32 -1.88
N VAL B 115 0.25 6.03 -0.76
CA VAL B 115 -0.91 5.17 -0.74
C VAL B 115 -1.94 5.77 0.23
N GLY B 116 -3.21 5.58 -0.13
CA GLY B 116 -4.35 5.95 0.69
C GLY B 116 -5.67 5.41 0.18
N ILE B 117 -6.74 5.91 0.75
CA ILE B 117 -8.06 5.52 0.39
C ILE B 117 -8.89 6.72 -0.04
N ASN B 118 -9.98 6.48 -0.73
CA ASN B 118 -11.11 7.46 -0.81
C ASN B 118 -12.46 6.74 -0.94
N ILE B 119 -13.47 7.33 -0.31
CA ILE B 119 -14.85 6.93 -0.42
C ILE B 119 -15.64 7.99 -1.21
N PHE B 120 -16.29 7.55 -2.30
CA PHE B 120 -17.09 8.43 -3.13
C PHE B 120 -18.58 8.14 -2.97
N THR B 121 -19.36 9.20 -2.97
CA THR B 121 -20.81 9.10 -3.10
C THR B 121 -21.28 10.09 -4.16
N ARG B 122 -22.52 9.92 -4.61
CA ARG B 122 -23.09 10.70 -5.72
C ARG B 122 -23.36 12.11 -5.31
N LEU B 123 -23.23 13.03 -6.26
CA LEU B 123 -23.57 14.45 -6.04
C LEU B 123 -25.00 14.68 -6.44
N LYS C 3 -0.01 16.23 24.27
CA LYS C 3 -1.50 16.32 24.33
C LYS C 3 -2.28 15.04 23.90
N CYS C 4 -1.81 14.39 22.83
CA CYS C 4 -2.50 13.27 22.17
C CYS C 4 -1.72 12.04 22.53
N SER C 5 -2.25 11.23 23.43
CA SER C 5 -1.46 10.18 24.07
C SER C 5 -1.99 8.81 23.74
N LEU C 6 -1.12 7.88 23.39
CA LEU C 6 -1.57 6.53 22.95
C LEU C 6 -2.14 5.64 24.02
N THR C 7 -1.74 5.89 25.28
CA THR C 7 -2.14 5.11 26.43
C THR C 7 -3.67 5.15 26.58
N GLY C 8 -4.25 3.96 26.75
CA GLY C 8 -5.66 3.81 27.02
C GLY C 8 -6.35 2.87 26.07
N LYS C 9 -7.66 3.04 26.03
CA LYS C 9 -8.57 2.25 25.23
C LYS C 9 -9.19 2.97 24.00
N TRP C 10 -9.06 2.27 22.88
CA TRP C 10 -9.43 2.78 21.56
C TRP C 10 -10.33 1.78 20.84
N THR C 11 -11.24 2.31 20.02
CA THR C 11 -12.03 1.49 19.08
C THR C 11 -11.86 2.03 17.64
N ASN C 12 -11.99 1.20 16.62
CA ASN C 12 -11.95 1.69 15.26
C ASN C 12 -13.22 1.61 14.48
N ASP C 13 -13.17 2.15 13.29
CA ASP C 13 -14.30 2.15 12.35
C ASP C 13 -14.86 0.78 11.97
N LEU C 14 -14.08 -0.29 12.13
CA LEU C 14 -14.60 -1.65 11.97
C LEU C 14 -15.07 -2.25 13.24
N GLY C 15 -15.03 -1.52 14.35
CA GLY C 15 -15.51 -2.07 15.63
C GLY C 15 -14.42 -2.73 16.46
N SER C 16 -13.20 -2.88 15.94
CA SER C 16 -12.11 -3.50 16.69
C SER C 16 -11.70 -2.60 17.86
N ASN C 17 -11.16 -3.21 18.92
CA ASN C 17 -10.70 -2.51 20.14
C ASN C 17 -9.28 -2.75 20.37
N MET C 18 -8.61 -1.75 20.94
CA MET C 18 -7.29 -1.97 21.49
C MET C 18 -7.06 -1.17 22.76
N THR C 19 -6.19 -1.75 23.59
CA THR C 19 -5.76 -1.20 24.83
C THR C 19 -4.26 -1.11 24.84
N ILE C 20 -3.78 0.10 25.12
CA ILE C 20 -2.35 0.39 25.04
C ILE C 20 -1.99 0.80 26.41
N GLY C 21 -0.91 0.25 26.92
CA GLY C 21 -0.39 0.62 28.21
C GLY C 21 0.39 1.92 28.20
N ALA C 22 1.14 2.13 29.29
CA ALA C 22 2.04 3.29 29.45
C ALA C 22 3.07 3.34 28.33
N VAL C 23 3.34 4.54 27.88
CA VAL C 23 4.43 4.79 26.96
C VAL C 23 5.64 5.22 27.81
N ASN C 24 6.70 4.42 27.81
CA ASN C 24 7.89 4.73 28.61
C ASN C 24 8.69 5.90 28.01
N SER C 25 9.78 6.25 28.65
CA SER C 25 10.63 7.39 28.22
C SER C 25 11.31 7.18 26.85
N ARG C 26 11.40 5.94 26.37
CA ARG C 26 11.88 5.63 25.00
C ARG C 26 10.84 5.57 23.88
N GLY C 27 9.61 5.95 24.18
CA GLY C 27 8.50 5.82 23.26
C GLY C 27 7.90 4.42 23.09
N GLU C 28 8.35 3.44 23.84
CA GLU C 28 7.83 2.09 23.68
C GLU C 28 6.53 1.88 24.46
N PHE C 29 5.71 1.02 23.91
CA PHE C 29 4.44 0.63 24.56
C PHE C 29 4.08 -0.77 24.12
N THR C 30 3.19 -1.34 24.91
CA THR C 30 2.60 -2.63 24.71
C THR C 30 1.12 -2.52 24.90
N GLY C 31 0.42 -3.54 24.42
CA GLY C 31 -1.04 -3.56 24.58
C GLY C 31 -1.64 -4.84 24.11
N THR C 32 -2.97 -4.80 23.96
CA THR C 32 -3.68 -5.89 23.28
C THR C 32 -4.63 -5.36 22.22
N TYR C 33 -4.92 -6.24 21.25
CA TYR C 33 -5.80 -5.95 20.11
C TYR C 33 -6.87 -7.04 19.98
N THR C 34 -8.14 -6.63 19.95
CA THR C 34 -9.28 -7.53 19.68
C THR C 34 -9.92 -7.05 18.38
N THR C 35 -9.61 -7.75 17.30
CA THR C 35 -10.21 -7.45 16.02
C THR C 35 -11.66 -7.90 16.02
N ALA C 36 -12.50 -7.07 15.44
CA ALA C 36 -13.88 -7.42 15.21
C ALA C 36 -14.05 -8.19 13.87
N VAL C 37 -13.01 -8.31 13.04
CA VAL C 37 -13.14 -8.91 11.70
C VAL C 37 -11.98 -9.81 11.49
N THR C 38 -12.17 -10.77 10.63
CA THR C 38 -11.06 -11.65 10.28
C THR C 38 -11.35 -12.27 8.94
N ALA C 39 -10.34 -12.82 8.29
CA ALA C 39 -10.53 -13.36 6.93
C ALA C 39 -11.05 -14.77 6.83
N THR C 40 -10.99 -15.55 7.93
N THR C 40 -11.02 -15.55 7.92
CA THR C 40 -11.41 -16.97 8.02
CA THR C 40 -11.49 -16.94 7.94
C THR C 40 -12.56 -17.09 9.02
C THR C 40 -12.58 -17.08 8.98
N SER C 41 -12.98 -18.32 9.24
CA SER C 41 -13.92 -18.62 10.32
C SER C 41 -13.30 -19.06 11.65
N ASN C 42 -11.98 -19.11 11.76
CA ASN C 42 -11.37 -19.49 13.03
C ASN C 42 -11.77 -18.44 14.02
N GLU C 43 -11.76 -18.49 14.98
CA GLU C 43 -12.24 -17.64 16.03
C GLU C 43 -11.22 -16.63 16.49
N ILE C 44 -11.66 -15.62 16.74
CA ILE C 44 -10.81 -14.53 17.08
C ILE C 44 -10.37 -14.62 18.53
N LYS C 45 -9.08 -14.34 18.74
CA LYS C 45 -8.43 -14.23 20.07
C LYS C 45 -7.72 -12.88 20.20
N GLU C 46 -7.82 -12.30 21.40
CA GLU C 46 -7.09 -11.12 21.81
C GLU C 46 -5.65 -11.37 21.51
N SER C 47 -4.99 -10.40 20.97
CA SER C 47 -3.63 -10.64 20.52
C SER C 47 -2.74 -9.47 21.00
N PRO C 48 -1.47 -9.74 21.33
CA PRO C 48 -0.57 -8.68 21.79
C PRO C 48 -0.11 -7.75 20.67
N LEU C 49 0.18 -6.52 21.07
CA LEU C 49 0.83 -5.57 20.23
C LEU C 49 1.99 -4.91 20.96
N HIS C 50 2.99 -4.50 20.16
CA HIS C 50 4.27 -3.84 20.57
C HIS C 50 4.57 -2.76 19.54
N GLY C 51 4.86 -1.58 20.02
CA GLY C 51 5.21 -0.46 19.22
C GLY C 51 5.98 0.61 19.84
N THR C 52 6.19 1.65 19.03
CA THR C 52 6.83 2.84 19.49
C THR C 52 6.18 4.07 18.89
N GLN C 53 6.33 5.12 19.63
CA GLN C 53 5.86 6.43 19.28
C GLN C 53 7.14 7.26 19.14
N ASN C 54 7.22 8.04 18.07
CA ASN C 54 8.35 8.89 17.78
C ASN C 54 8.36 10.01 18.80
N THR C 55 9.52 10.30 19.32
CA THR C 55 9.66 11.41 20.28
C THR C 55 10.53 12.61 19.84
N ILE C 56 10.97 12.62 18.59
CA ILE C 56 11.77 13.75 18.09
C ILE C 56 10.94 15.05 18.10
N ASN C 57 11.53 16.09 18.67
CA ASN C 57 10.82 17.35 18.95
C ASN C 57 9.56 17.25 19.81
N LYS C 58 9.33 16.08 20.42
CA LYS C 58 8.31 15.90 21.45
C LYS C 58 6.96 16.41 20.97
N ARG C 59 6.59 16.02 19.74
CA ARG C 59 5.39 16.63 19.09
C ARG C 59 4.15 16.29 19.92
N THR C 60 3.22 17.26 19.99
CA THR C 60 1.96 17.01 20.66
C THR C 60 1.03 16.06 19.84
N GLN C 61 1.39 15.81 18.57
CA GLN C 61 0.71 14.85 17.74
C GLN C 61 1.79 14.00 17.07
N PRO C 62 2.40 13.04 17.80
CA PRO C 62 3.49 12.25 17.23
C PRO C 62 3.05 11.10 16.31
N THR C 63 3.97 10.70 15.42
CA THR C 63 3.81 9.50 14.58
C THR C 63 4.17 8.30 15.41
N PHE C 64 3.64 7.16 15.03
CA PHE C 64 3.80 5.91 15.76
C PHE C 64 3.63 4.74 14.84
N GLY C 65 4.07 3.58 15.34
CA GLY C 65 3.90 2.31 14.67
C GLY C 65 3.76 1.20 15.69
N PHE C 66 3.03 0.17 15.35
CA PHE C 66 2.98 -1.02 16.16
C PHE C 66 2.70 -2.29 15.32
N THR C 67 3.16 -3.43 15.86
CA THR C 67 2.96 -4.72 15.26
C THR C 67 1.91 -5.45 16.10
N VAL C 68 0.98 -6.13 15.46
CA VAL C 68 0.02 -7.02 16.13
C VAL C 68 0.36 -8.48 15.77
N ASN C 69 0.67 -9.25 16.80
CA ASN C 69 1.14 -10.58 16.64
C ASN C 69 0.00 -11.53 16.86
N TRP C 70 -0.64 -11.91 15.78
CA TRP C 70 -1.97 -12.55 15.90
C TRP C 70 -1.87 -13.92 16.51
N LYS C 71 -2.82 -14.24 17.37
CA LYS C 71 -2.82 -15.51 18.09
C LYS C 71 -3.79 -16.59 17.57
N PHE C 72 -4.44 -16.33 16.46
CA PHE C 72 -5.33 -17.28 15.85
C PHE C 72 -5.02 -17.48 14.35
N SER C 73 -3.83 -17.05 13.89
CA SER C 73 -3.40 -17.19 12.48
C SER C 73 -1.92 -17.13 12.40
N GLU C 74 -1.34 -17.63 11.31
CA GLU C 74 0.12 -17.43 11.05
C GLU C 74 0.51 -16.00 10.60
N SER C 75 -0.47 -15.09 10.56
CA SER C 75 -0.33 -13.77 10.03
C SER C 75 0.29 -12.78 11.00
N THR C 76 0.76 -11.66 10.46
CA THR C 76 1.20 -10.45 11.24
C THR C 76 0.60 -9.19 10.58
N THR C 77 0.18 -8.23 11.38
CA THR C 77 -0.27 -6.93 10.89
C THR C 77 0.62 -5.80 11.52
N VAL C 78 0.98 -4.80 10.73
CA VAL C 78 1.61 -3.61 11.24
C VAL C 78 0.73 -2.45 10.93
N PHE C 79 0.72 -1.48 11.87
CA PHE C 79 -0.02 -0.25 11.73
C PHE C 79 0.96 0.89 11.93
N THR C 80 0.75 1.97 11.19
CA THR C 80 1.48 3.16 11.39
C THR C 80 0.57 4.37 11.17
N GLY C 81 0.79 5.41 11.93
CA GLY C 81 -0.11 6.58 11.87
C GLY C 81 0.31 7.75 12.74
N GLN C 82 -0.66 8.64 12.99
CA GLN C 82 -0.42 9.82 13.75
C GLN C 82 -1.62 10.12 14.57
N CYS C 83 -1.35 10.57 15.80
CA CYS C 83 -2.37 11.00 16.72
C CYS C 83 -2.71 12.47 16.45
N PHE C 84 -3.97 12.80 16.14
CA PHE C 84 -4.37 14.18 15.98
C PHE C 84 -5.37 14.62 17.06
N ILE C 85 -5.39 15.94 17.29
CA ILE C 85 -6.49 16.60 18.02
C ILE C 85 -7.36 17.29 16.98
N ASP C 86 -8.45 16.65 16.59
CA ASP C 86 -9.41 17.24 15.66
C ASP C 86 -9.94 18.62 16.14
N ARG C 87 -10.77 19.24 15.30
CA ARG C 87 -11.34 20.59 15.54
C ARG C 87 -12.10 20.84 16.85
N ASN C 88 -12.41 19.76 17.57
CA ASN C 88 -13.19 19.83 18.83
C ASN C 88 -12.36 19.72 20.10
N GLY C 89 -11.11 19.26 19.95
CA GLY C 89 -10.30 18.81 21.06
C GLY C 89 -10.36 17.28 21.22
N LYS C 90 -11.15 16.55 20.37
CA LYS C 90 -11.18 15.04 20.40
C LYS C 90 -9.96 14.45 19.79
N GLU C 91 -9.50 13.36 20.36
CA GLU C 91 -8.37 12.67 19.79
C GLU C 91 -8.81 11.68 18.73
N VAL C 92 -7.91 11.45 17.77
CA VAL C 92 -8.17 10.52 16.68
C VAL C 92 -6.85 10.00 16.15
N LEU C 93 -6.75 8.70 16.02
CA LEU C 93 -5.61 8.06 15.41
C LEU C 93 -5.97 7.77 13.96
N LYS C 94 -5.18 8.33 13.04
CA LYS C 94 -5.29 8.01 11.62
C LYS C 94 -4.22 7.06 11.29
N THR C 95 -4.60 5.85 10.93
CA THR C 95 -3.58 4.81 10.65
C THR C 95 -3.78 4.15 9.26
N MET C 96 -2.68 3.56 8.76
CA MET C 96 -2.68 2.61 7.69
C MET C 96 -2.02 1.34 8.17
N TRP C 97 -2.42 0.23 7.57
CA TRP C 97 -1.88 -1.07 7.92
C TRP C 97 -1.51 -1.95 6.75
N LEU C 98 -0.61 -2.89 7.02
CA LEU C 98 -0.25 -3.94 6.12
C LEU C 98 -0.51 -5.24 6.86
N LEU C 99 -1.27 -6.15 6.24
CA LEU C 99 -1.57 -7.48 6.80
C LEU C 99 -0.82 -8.51 5.98
N ARG C 100 0.20 -9.12 6.56
CA ARG C 100 1.02 -10.11 5.85
C ARG C 100 0.52 -11.51 6.22
N SER C 101 0.12 -12.26 5.21
CA SER C 101 -0.24 -13.71 5.41
C SER C 101 0.98 -14.53 5.24
N SER C 102 0.93 -15.70 5.81
CA SER C 102 1.94 -16.71 5.50
C SER C 102 1.65 -17.32 4.13
N VAL C 103 2.69 -17.59 3.36
CA VAL C 103 2.60 -18.51 2.22
C VAL C 103 3.69 -19.56 2.34
N ASN C 104 3.46 -20.74 1.76
CA ASN C 104 4.31 -21.86 1.90
C ASN C 104 5.24 -22.08 0.70
N ASP C 105 5.17 -21.24 -0.32
CA ASP C 105 6.09 -21.20 -1.41
C ASP C 105 6.44 -19.77 -1.75
N ILE C 106 7.71 -19.50 -1.96
CA ILE C 106 8.19 -18.14 -2.18
C ILE C 106 7.62 -17.51 -3.45
N GLY C 107 7.25 -18.37 -4.39
CA GLY C 107 6.55 -18.00 -5.59
C GLY C 107 5.19 -17.45 -5.34
N ASP C 108 4.64 -17.62 -4.15
CA ASP C 108 3.32 -17.00 -3.79
C ASP C 108 3.45 -15.73 -2.96
N ASP C 109 4.66 -15.28 -2.75
CA ASP C 109 4.95 -14.09 -1.96
C ASP C 109 4.18 -12.88 -2.47
N TRP C 110 4.06 -12.75 -3.77
CA TRP C 110 3.36 -11.61 -4.40
C TRP C 110 1.97 -11.31 -3.85
N LYS C 111 1.26 -12.34 -3.40
CA LYS C 111 -0.10 -12.17 -2.98
C LYS C 111 -0.31 -12.13 -1.53
N ALA C 112 0.78 -12.12 -0.80
CA ALA C 112 0.73 -12.24 0.66
C ALA C 112 0.43 -10.97 1.48
N THR C 113 0.35 -9.80 0.85
CA THR C 113 0.25 -8.57 1.62
C THR C 113 -0.92 -7.74 1.19
N ARG C 114 -1.79 -7.52 2.15
CA ARG C 114 -2.92 -6.64 2.01
C ARG C 114 -2.65 -5.30 2.69
N VAL C 115 -3.45 -4.32 2.29
CA VAL C 115 -3.29 -2.96 2.76
C VAL C 115 -4.70 -2.31 3.03
N GLY C 116 -4.75 -1.43 4.04
CA GLY C 116 -5.93 -0.65 4.34
C GLY C 116 -5.67 0.44 5.36
N ILE C 117 -6.73 1.03 5.81
CA ILE C 117 -6.70 2.06 6.81
C ILE C 117 -7.54 1.69 8.00
N ASN C 118 -7.30 2.41 9.11
CA ASN C 118 -8.25 2.47 10.22
C ASN C 118 -8.16 3.80 10.92
N ILE C 119 -9.33 4.30 11.36
CA ILE C 119 -9.48 5.43 12.24
C ILE C 119 -9.93 4.99 13.65
N PHE C 120 -9.13 5.34 14.67
CA PHE C 120 -9.44 5.02 16.06
C PHE C 120 -9.88 6.27 16.83
N THR C 121 -10.87 6.08 17.72
CA THR C 121 -11.21 7.04 18.71
C THR C 121 -11.36 6.35 20.06
N ARG C 122 -11.40 7.16 21.12
CA ARG C 122 -11.34 6.65 22.51
C ARG C 122 -12.66 6.04 22.89
N LEU C 123 -12.60 5.03 23.74
CA LEU C 123 -13.79 4.37 24.29
C LEU C 123 -14.16 4.99 25.63
N LYS D 3 14.15 -22.95 11.40
CA LYS D 3 15.28 -22.88 10.41
C LYS D 3 15.73 -21.42 10.01
N CYS D 4 14.77 -20.52 9.86
CA CYS D 4 14.93 -19.17 9.35
C CYS D 4 14.73 -18.27 10.51
N SER D 5 15.81 -17.72 11.02
CA SER D 5 15.78 -16.99 12.30
C SER D 5 16.15 -15.50 12.12
N LEU D 6 15.38 -14.62 12.71
CA LEU D 6 15.58 -13.20 12.51
C LEU D 6 16.82 -12.63 13.19
N THR D 7 17.29 -13.28 14.25
CA THR D 7 18.47 -12.88 15.01
C THR D 7 19.69 -12.77 14.09
N GLY D 8 20.38 -11.65 14.19
CA GLY D 8 21.62 -11.43 13.50
C GLY D 8 21.65 -10.16 12.68
N LYS D 9 22.58 -10.14 11.74
CA LYS D 9 22.82 -9.05 10.84
C LYS D 9 22.40 -9.24 9.34
N TRP D 10 21.65 -8.27 8.88
CA TRP D 10 20.95 -8.28 7.56
C TRP D 10 21.25 -7.01 6.78
N THR D 11 21.34 -7.13 5.48
CA THR D 11 21.45 -5.98 4.58
C THR D 11 20.32 -6.04 3.54
N ASN D 12 19.83 -4.90 3.07
CA ASN D 12 18.84 -4.94 2.00
C ASN D 12 19.29 -4.48 0.64
N ASP D 13 18.38 -4.62 -0.35
CA ASP D 13 18.59 -4.23 -1.75
C ASP D 13 18.96 -2.72 -1.94
N LEU D 14 18.65 -1.85 -0.98
CA LEU D 14 19.10 -0.45 -1.01
C LEU D 14 20.42 -0.25 -0.27
N GLY D 15 21.00 -1.31 0.30
CA GLY D 15 22.24 -1.15 1.08
C GLY D 15 22.03 -0.98 2.58
N SER D 16 20.77 -0.81 3.05
CA SER D 16 20.51 -0.57 4.46
C SER D 16 20.84 -1.83 5.28
N ASN D 17 21.25 -1.62 6.53
CA ASN D 17 21.64 -2.70 7.47
C ASN D 17 20.72 -2.73 8.64
N MET D 18 20.46 -3.93 9.13
CA MET D 18 19.87 -4.04 10.46
C MET D 18 20.41 -5.23 11.22
N THR D 19 20.38 -5.06 12.56
CA THR D 19 20.87 -6.04 13.51
C THR D 19 19.72 -6.32 14.44
N ILE D 20 19.38 -7.60 14.55
CA ILE D 20 18.26 -8.03 15.35
C ILE D 20 18.80 -8.92 16.41
N GLY D 21 18.40 -8.67 17.64
CA GLY D 21 18.83 -9.44 18.80
C GLY D 21 18.06 -10.74 18.93
N ALA D 22 18.23 -11.38 20.09
CA ALA D 22 17.56 -12.64 20.42
C ALA D 22 16.05 -12.49 20.34
N VAL D 23 15.40 -13.54 19.83
CA VAL D 23 13.95 -13.59 19.79
C VAL D 23 13.61 -14.38 21.01
N ASN D 24 12.92 -13.75 21.96
CA ASN D 24 12.51 -14.43 23.16
C ASN D 24 11.34 -15.42 22.93
N SER D 25 10.90 -16.09 23.97
CA SER D 25 9.90 -17.14 23.81
C SER D 25 8.56 -16.58 23.30
N ARG D 26 8.33 -15.27 23.47
CA ARG D 26 7.09 -14.61 23.00
C ARG D 26 7.16 -14.03 21.62
N GLY D 27 8.20 -14.39 20.89
CA GLY D 27 8.41 -13.88 19.56
C GLY D 27 8.91 -12.43 19.50
N GLU D 28 9.23 -11.78 20.63
CA GLU D 28 9.66 -10.41 20.59
C GLU D 28 11.11 -10.31 20.33
N PHE D 29 11.46 -9.23 19.63
CA PHE D 29 12.84 -8.92 19.38
C PHE D 29 13.04 -7.41 19.32
N THR D 30 14.31 -7.02 19.50
CA THR D 30 14.72 -5.63 19.40
C THR D 30 15.99 -5.62 18.54
N GLY D 31 16.29 -4.44 18.04
CA GLY D 31 17.47 -4.31 17.17
C GLY D 31 17.73 -2.87 16.82
N THR D 32 18.69 -2.68 15.87
CA THR D 32 18.97 -1.38 15.31
C THR D 32 19.04 -1.39 13.79
N TYR D 33 18.60 -0.27 13.21
CA TYR D 33 18.41 -0.07 11.76
C TYR D 33 19.26 1.11 11.29
N THR D 34 20.13 0.86 10.32
CA THR D 34 20.90 1.94 9.68
C THR D 34 20.47 1.99 8.22
N THR D 35 19.58 2.92 7.92
CA THR D 35 19.17 3.14 6.55
C THR D 35 20.34 3.70 5.74
N ALA D 36 20.47 3.21 4.52
CA ALA D 36 21.38 3.79 3.53
C ALA D 36 20.76 4.95 2.73
N VAL D 37 19.46 5.24 2.88
CA VAL D 37 18.78 6.30 2.10
C VAL D 37 17.86 7.08 2.97
N THR D 38 17.63 8.33 2.60
CA THR D 38 16.70 9.17 3.35
C THR D 38 16.18 10.23 2.46
N ALA D 39 15.00 10.73 2.70
CA ALA D 39 14.68 11.97 1.93
C ALA D 39 15.04 13.24 2.64
N THR D 40 15.39 13.14 3.93
CA THR D 40 15.46 14.33 4.81
C THR D 40 16.76 14.96 4.48
N SER D 41 16.98 16.18 4.90
CA SER D 41 18.29 16.82 4.66
C SER D 41 19.29 16.55 5.84
N ASN D 42 18.98 15.62 6.76
CA ASN D 42 19.80 15.23 7.91
C ASN D 42 20.76 14.07 7.78
N GLU D 43 21.79 14.12 8.63
CA GLU D 43 22.63 12.99 8.89
C GLU D 43 21.76 11.84 9.42
N ILE D 44 21.92 10.72 8.75
CA ILE D 44 21.30 9.48 9.17
C ILE D 44 21.96 9.00 10.45
N LYS D 45 21.10 8.56 11.37
CA LYS D 45 21.47 8.00 12.66
C LYS D 45 20.85 6.59 12.77
N GLU D 46 21.64 5.69 13.30
CA GLU D 46 21.21 4.40 13.74
C GLU D 46 19.94 4.57 14.54
N SER D 47 18.92 3.73 14.29
CA SER D 47 17.66 3.93 14.96
C SER D 47 17.16 2.60 15.50
N PRO D 48 16.45 2.63 16.64
CA PRO D 48 15.95 1.38 17.21
C PRO D 48 14.75 0.78 16.50
N LEU D 49 14.67 -0.53 16.57
CA LEU D 49 13.51 -1.28 16.08
C LEU D 49 13.04 -2.27 17.13
N HIS D 50 11.73 -2.46 17.13
CA HIS D 50 10.98 -3.38 18.03
C HIS D 50 9.96 -4.13 17.13
N GLY D 51 9.91 -5.42 17.29
CA GLY D 51 8.95 -6.25 16.60
C GLY D 51 8.64 -7.59 17.23
N THR D 52 7.86 -8.33 16.49
CA THR D 52 7.55 -9.69 16.80
C THR D 52 7.57 -10.56 15.55
N GLN D 53 7.86 -11.79 15.82
CA GLN D 53 7.77 -12.88 14.88
C GLN D 53 6.65 -13.75 15.35
N ASN D 54 5.80 -14.13 14.42
CA ASN D 54 4.60 -15.01 14.69
C ASN D 54 5.04 -16.41 14.96
N THR D 55 4.55 -17.01 16.03
CA THR D 55 4.99 -18.34 16.42
C THR D 55 3.87 -19.41 16.27
N ILE D 56 2.72 -19.05 15.75
CA ILE D 56 1.61 -20.02 15.60
C ILE D 56 2.02 -21.16 14.66
N ASN D 57 1.80 -22.36 15.10
CA ASN D 57 2.31 -23.58 14.46
C ASN D 57 3.80 -23.73 14.27
N LYS D 58 4.55 -22.83 14.90
CA LYS D 58 6.00 -22.94 14.97
C LYS D 58 6.61 -23.07 13.60
N ARG D 59 6.23 -22.21 12.68
CA ARG D 59 6.68 -22.39 11.35
C ARG D 59 8.15 -22.17 11.22
N THR D 60 8.80 -22.93 10.35
CA THR D 60 10.23 -22.75 10.05
C THR D 60 10.46 -21.46 9.22
N GLN D 61 9.41 -20.88 8.64
CA GLN D 61 9.46 -19.66 7.86
C GLN D 61 8.34 -18.75 8.32
N PRO D 62 8.48 -18.12 9.47
CA PRO D 62 7.37 -17.35 10.02
C PRO D 62 7.23 -15.96 9.38
N THR D 63 6.01 -15.40 9.54
CA THR D 63 5.76 -13.99 9.32
C THR D 63 6.30 -13.16 10.51
N PHE D 64 6.53 -11.89 10.28
CA PHE D 64 7.03 -10.98 11.31
C PHE D 64 6.66 -9.57 10.93
N GLY D 65 6.81 -8.70 11.93
CA GLY D 65 6.57 -7.30 11.79
C GLY D 65 7.50 -6.55 12.74
N PHE D 66 7.93 -5.37 12.33
CA PHE D 66 8.67 -4.49 13.22
C PHE D 66 8.48 -3.02 12.90
N THR D 67 8.64 -2.18 13.93
CA THR D 67 8.56 -0.75 13.81
C THR D 67 9.98 -0.17 13.98
N VAL D 68 10.35 0.76 13.13
CA VAL D 68 11.58 1.50 13.22
C VAL D 68 11.23 2.92 13.70
N ASN D 69 11.77 3.28 14.85
CA ASN D 69 11.57 4.57 15.44
C ASN D 69 12.72 5.52 15.10
N TRP D 70 12.56 6.29 14.02
CA TRP D 70 13.69 6.99 13.43
C TRP D 70 14.21 8.12 14.35
N LYS D 71 15.55 8.27 14.40
CA LYS D 71 16.22 9.19 15.33
C LYS D 71 16.72 10.47 14.70
N PHE D 72 16.36 10.67 13.45
CA PHE D 72 16.74 11.81 12.70
C PHE D 72 15.58 12.32 11.85
N SER D 73 14.34 11.95 12.17
CA SER D 73 13.16 12.59 11.60
C SER D 73 11.97 12.35 12.51
N GLU D 74 10.87 13.09 12.31
CA GLU D 74 9.63 12.88 13.07
C GLU D 74 8.79 11.67 12.62
N SER D 75 9.35 10.91 11.67
CA SER D 75 8.67 9.79 11.00
C SER D 75 8.73 8.47 11.76
N THR D 76 7.90 7.52 11.33
CA THR D 76 7.94 6.11 11.75
C THR D 76 7.78 5.20 10.52
N THR D 77 8.53 4.12 10.46
CA THR D 77 8.36 3.12 9.42
C THR D 77 7.97 1.77 10.06
N VAL D 78 7.03 1.02 9.46
CA VAL D 78 6.74 -0.32 9.82
C VAL D 78 7.02 -1.24 8.65
N PHE D 79 7.57 -2.41 8.95
CA PHE D 79 7.88 -3.46 8.02
C PHE D 79 7.15 -4.72 8.43
N THR D 80 6.68 -5.47 7.42
CA THR D 80 6.14 -6.77 7.64
C THR D 80 6.54 -7.71 6.53
N GLY D 81 6.68 -8.97 6.86
CA GLY D 81 7.11 -9.94 5.84
C GLY D 81 7.27 -11.34 6.35
N GLN D 82 8.11 -12.12 5.66
CA GLN D 82 8.29 -13.46 5.95
C GLN D 82 9.71 -13.86 5.65
N CYS D 83 10.23 -14.76 6.50
CA CYS D 83 11.57 -15.35 6.36
C CYS D 83 11.48 -16.63 5.50
N PHE D 84 12.15 -16.69 4.36
CA PHE D 84 12.15 -17.85 3.56
C PHE D 84 13.54 -18.50 3.57
N ILE D 85 13.56 -19.79 3.31
CA ILE D 85 14.78 -20.51 2.93
C ILE D 85 14.72 -20.82 1.45
N ASP D 86 15.40 -20.00 0.66
CA ASP D 86 15.58 -20.20 -0.78
C ASP D 86 16.11 -21.58 -1.17
N ARG D 87 16.00 -21.93 -2.46
CA ARG D 87 16.46 -23.24 -3.01
C ARG D 87 17.76 -23.77 -2.36
N ASN D 88 18.74 -22.86 -2.19
CA ASN D 88 20.06 -23.22 -1.64
C ASN D 88 20.32 -23.38 -0.14
N GLY D 89 19.25 -23.28 0.66
CA GLY D 89 19.37 -23.14 2.09
C GLY D 89 19.69 -21.73 2.57
N LYS D 90 19.73 -20.53 1.82
CA LYS D 90 19.85 -19.10 1.96
C LYS D 90 18.60 -18.49 2.64
N GLU D 91 18.94 -17.85 3.52
CA GLU D 91 17.77 -17.15 4.06
C GLU D 91 17.52 -15.84 3.34
N VAL D 92 16.23 -15.44 3.30
CA VAL D 92 15.78 -14.20 2.68
C VAL D 92 14.58 -13.68 3.38
N LEU D 93 14.58 -12.40 3.73
CA LEU D 93 13.40 -11.71 4.26
C LEU D 93 12.71 -10.92 3.13
N LYS D 94 11.47 -11.27 2.83
CA LYS D 94 10.67 -10.54 1.86
C LYS D 94 9.75 -9.67 2.59
N THR D 95 9.94 -8.35 2.43
CA THR D 95 9.17 -7.42 3.25
C THR D 95 8.52 -6.34 2.43
N MET D 96 7.43 -5.82 2.99
CA MET D 96 6.81 -4.55 2.57
C MET D 96 6.76 -3.60 3.77
N TRP D 97 6.79 -2.32 3.47
CA TRP D 97 6.81 -1.28 4.48
C TRP D 97 5.86 -0.13 4.21
N LEU D 98 5.53 0.59 5.29
CA LEU D 98 4.80 1.85 5.22
C LEU D 98 5.72 2.85 5.94
N LEU D 99 5.99 4.00 5.34
CA LEU D 99 6.70 5.14 5.96
C LEU D 99 5.70 6.29 6.25
N ARG D 100 5.43 6.59 7.53
CA ARG D 100 4.49 7.59 7.93
C ARG D 100 5.24 8.86 8.31
N SER D 101 4.96 9.95 7.58
CA SER D 101 5.49 11.28 7.87
C SER D 101 4.58 11.96 8.80
N SER D 102 5.15 12.92 9.51
CA SER D 102 4.39 13.76 10.35
C SER D 102 3.77 14.93 9.56
N VAL D 103 2.53 15.29 9.83
CA VAL D 103 1.90 16.47 9.18
C VAL D 103 1.29 17.24 10.29
N ASN D 104 1.14 18.54 10.09
CA ASN D 104 0.71 19.42 11.13
C ASN D 104 -0.77 19.41 11.32
N ASP D 105 -1.48 19.12 10.26
CA ASP D 105 -2.91 19.30 10.18
C ASP D 105 -3.52 17.99 9.73
N ILE D 106 -4.60 17.59 10.36
CA ILE D 106 -5.31 16.37 10.01
C ILE D 106 -5.81 16.35 8.55
N GLY D 107 -6.09 17.53 7.99
CA GLY D 107 -6.43 17.69 6.59
C GLY D 107 -5.32 17.27 5.65
N ASP D 108 -4.09 17.16 6.12
CA ASP D 108 -2.98 16.69 5.27
C ASP D 108 -2.68 15.25 5.45
N ASP D 109 -3.48 14.57 6.27
CA ASP D 109 -3.23 13.15 6.55
C ASP D 109 -3.09 12.31 5.29
N TRP D 110 -3.89 12.61 4.28
CA TRP D 110 -3.96 11.79 3.07
C TRP D 110 -2.60 11.53 2.42
N LYS D 111 -1.70 12.52 2.56
CA LYS D 111 -0.45 12.51 1.87
C LYS D 111 0.69 12.03 2.72
N ALA D 112 0.39 11.55 3.91
CA ALA D 112 1.45 11.20 4.91
C ALA D 112 2.05 9.82 4.88
N THR D 113 1.61 8.92 3.99
CA THR D 113 2.05 7.54 4.01
C THR D 113 2.57 7.05 2.67
N ARG D 114 3.84 6.62 2.68
CA ARG D 114 4.52 6.00 1.56
C ARG D 114 4.66 4.52 1.77
N VAL D 115 4.84 3.80 0.64
CA VAL D 115 4.82 2.36 0.63
C VAL D 115 5.92 1.86 -0.28
N GLY D 116 6.48 0.70 0.08
CA GLY D 116 7.48 0.03 -0.76
C GLY D 116 7.83 -1.34 -0.23
N ILE D 117 8.88 -1.88 -0.79
CA ILE D 117 9.33 -3.20 -0.46
C ILE D 117 10.81 -3.15 -0.09
N ASN D 118 11.24 -4.21 0.57
CA ASN D 118 12.68 -4.56 0.63
C ASN D 118 12.87 -6.02 0.76
N ILE D 119 13.94 -6.47 0.20
CA ILE D 119 14.49 -7.81 0.36
C ILE D 119 15.83 -7.79 1.15
N PHE D 120 15.86 -8.56 2.23
CA PHE D 120 17.08 -8.65 3.06
C PHE D 120 17.74 -9.99 2.92
N THR D 121 19.06 -9.98 2.98
CA THR D 121 19.87 -11.19 3.13
C THR D 121 20.95 -10.97 4.20
N ARG D 122 21.54 -12.06 4.67
CA ARG D 122 22.51 -12.02 5.78
C ARG D 122 23.80 -11.41 5.34
N LEU D 123 24.43 -10.71 6.28
CA LEU D 123 25.77 -10.11 6.06
C LEU D 123 26.93 -10.96 6.63
C1 NAG E . 6.20 -14.43 -22.07
C2 NAG E . 5.50 -15.79 -21.95
C3 NAG E . 6.51 -16.96 -22.05
C4 NAG E . 7.42 -16.81 -23.29
C5 NAG E . 8.08 -15.43 -23.17
C6 NAG E . 9.13 -15.13 -24.24
C7 NAG E . 3.58 -16.19 -20.50
C8 NAG E . 3.03 -16.21 -19.10
N2 NAG E . 4.85 -15.85 -20.66
O3 NAG E . 5.87 -18.25 -22.10
O4 NAG E . 8.42 -17.83 -23.31
O5 NAG E . 7.04 -14.40 -23.23
O6 NAG E . 8.49 -14.75 -25.45
O7 NAG E . 2.89 -16.48 -21.44
O11 D9P F . -6.06 -13.11 -9.01
C11 D9P F . -6.79 -12.32 -9.58
C10 D9P F . -6.53 -11.93 -11.02
C9 D9P F . -5.11 -12.29 -11.50
C8 D9P F . -4.08 -11.68 -10.55
C7 D9P F . -2.78 -11.31 -11.21
C2 D9P F . -2.06 -10.16 -10.52
C4 D9P F . -0.55 -10.32 -10.43
C5 D9P F . 0.20 -9.05 -9.94
C6 D9P F . -0.66 -7.79 -9.81
N1 D9P F . 1.25 -8.92 -10.95
N2 D9P F . 0.02 -10.53 -11.75
C3 D9P F . 1.14 -9.80 -11.95
O3 D9P F . 1.99 -10.00 -12.86
C1 D9P F . -8.00 -11.77 -8.85
C16 D9P F . -8.17 -11.97 -7.45
C1 NAG G . -17.56 19.62 -6.07
C2 NAG G . -16.83 20.99 -6.11
C3 NAG G . -17.67 21.98 -5.30
C4 NAG G . -19.10 22.08 -5.85
C5 NAG G . -19.71 20.67 -5.80
C6 NAG G . -21.14 20.61 -6.37
C7 NAG G . -14.33 21.01 -6.20
C8 NAG G . -13.06 20.78 -5.40
N2 NAG G . -15.49 20.83 -5.51
O3 NAG G . -17.07 23.28 -5.34
O4 NAG G . -19.90 23.00 -5.06
O5 NAG G . -18.90 19.75 -6.58
O6 NAG G . -21.12 20.43 -7.81
O7 NAG G . -14.25 21.33 -7.37
O11 D9P H . -0.74 16.75 -5.05
C11 D9P H . -0.21 16.30 -6.04
C10 D9P H . -1.01 16.08 -7.29
C9 D9P H . -2.06 15.02 -6.98
C8 D9P H . -3.27 15.38 -6.12
C7 D9P H . -3.40 14.54 -4.86
C2 D9P H . -4.21 13.27 -5.02
C4 D9P H . -5.27 13.06 -3.94
C5 D9P H . -5.59 11.59 -3.63
C6 D9P H . -5.15 10.58 -4.69
N1 D9P H . -7.06 11.64 -3.48
N2 D9P H . -6.58 13.60 -4.33
C3 D9P H . -7.60 12.79 -3.96
O3 D9P H . -8.83 13.05 -4.06
C1 D9P H . 1.24 15.93 -6.00
C16 D9P H . 1.95 14.94 -6.55
C15 D9P H . 3.31 14.93 -6.25
C19 D9P H . 5.43 15.75 -5.17
C20 D9P H . 4.04 15.83 -5.43
C1 NAG I . -15.21 -3.00 21.92
C2 NAG I . -15.98 -4.31 21.66
C3 NAG I . -17.48 -4.05 21.50
C4 NAG I . -18.01 -3.36 22.74
C5 NAG I . -17.26 -2.02 22.78
C6 NAG I . -17.75 -1.09 23.89
C7 NAG I . -14.85 -6.15 20.46
C8 NAG I . -14.55 -6.69 19.09
N2 NAG I . -15.52 -5.01 20.46
O3 NAG I . -18.18 -5.29 21.21
O4 NAG I . -19.45 -3.14 22.73
O5 NAG I . -15.82 -2.27 22.99
O6 NAG I . -17.14 -1.52 25.10
O7 NAG I . -14.48 -6.69 21.48
O11 D9P J . -7.81 -12.02 9.17
C11 D9P J . -6.97 -12.69 9.78
C10 D9P J . -6.35 -12.15 11.08
C9 D9P J . -6.17 -10.63 10.89
C8 D9P J . -7.27 -9.70 11.40
C7 D9P J . -7.70 -8.65 10.40
C2 D9P J . -7.07 -7.32 10.59
C4 D9P J . -8.07 -6.15 10.56
C5 D9P J . -7.49 -4.82 10.08
C6 D9P J . -5.98 -4.68 10.15
N1 D9P J . -8.18 -3.90 10.98
N2 D9P J . -8.47 -5.83 11.92
C3 D9P J . -8.66 -4.52 12.08
O3 D9P J . -9.17 -3.99 13.06
C1 D9P J . -6.68 -14.08 9.29
C16 D9P J . -6.18 -14.32 8.04
C15 D9P J . -6.05 -15.70 7.64
C17 D9P J . -5.76 -13.37 7.15
C18 D9P J . -5.22 -13.75 5.92
C19 D9P J . -5.09 -15.07 5.49
C20 D9P J . -5.52 -16.05 6.39
C24 D9P J . -4.54 -15.43 4.21
C25 D9P J . -4.40 -16.75 3.85
C26 D9P J . -4.84 -17.73 4.76
C21 D9P J . -5.39 -17.41 6.00
C22 D9P J . -5.81 -18.42 6.89
C23 D9P J . -6.33 -18.09 8.11
C14 D9P J . -6.46 -16.75 8.51
C13 D9P J . -7.02 -16.44 9.75
C12 D9P J . -7.15 -15.12 10.11
C1 NAG K . 26.28 -2.31 5.95
C2 NAG K . 26.87 -0.90 5.75
C3 NAG K . 28.09 -0.97 4.80
C4 NAG K . 29.15 -1.96 5.30
C5 NAG K . 28.44 -3.30 5.46
C6 NAG K . 29.36 -4.45 5.92
C7 NAG K . 25.39 1.04 6.02
C8 NAG K . 24.37 1.96 5.42
N2 NAG K . 25.87 0.06 5.27
O3 NAG K . 28.66 0.34 4.69
O4 NAG K . 30.31 -2.12 4.40
O5 NAG K . 27.30 -3.21 6.42
O6 NAG K . 29.65 -4.40 7.32
O7 NAG K . 25.74 1.23 7.15
O11 D9P L . 13.72 9.48 4.55
C11 D9P L . 12.98 9.54 5.54
C10 D9P L . 13.36 8.74 6.77
C9 D9P L . 13.06 7.28 6.49
C8 D9P L . 14.19 6.42 5.98
C7 D9P L . 13.84 5.76 4.69
C2 D9P L . 13.29 4.34 4.81
C4 D9P L . 13.84 3.39 3.71
C5 D9P L . 12.91 2.24 3.31
C6 D9P L . 11.80 1.91 4.31
N1 D9P L . 13.86 1.17 3.18
N2 D9P L . 14.99 2.69 4.22
C3 D9P L . 15.04 1.42 3.80
O3 D9P L . 16.01 0.64 3.94
C1 D9P L . 11.85 10.55 5.58
C16 D9P L . 11.25 11.04 4.43
C15 D9P L . 10.26 12.08 4.59
C17 D9P L . 11.42 10.59 3.16
C18 D9P L . 10.70 11.17 2.09
C19 D9P L . 9.78 12.21 2.21
C20 D9P L . 9.54 12.66 3.50
C24 D9P L . 9.12 12.75 1.11
C25 D9P L . 8.19 13.77 1.29
C26 D9P L . 7.90 14.23 2.57
C21 D9P L . 8.59 13.70 3.68
C22 D9P L . 8.33 14.19 4.98
C23 D9P L . 9.01 13.66 6.01
C14 D9P L . 9.95 12.62 5.85
C13 D9P L . 10.62 12.10 6.94
C12 D9P L . 11.54 11.07 6.83
#